data_1ELB
#
_entry.id   1ELB
#
_cell.length_a   50.690
_cell.length_b   58.050
_cell.length_c   75.250
_cell.angle_alpha   90.00
_cell.angle_beta   90.00
_cell.angle_gamma   90.00
#
_symmetry.space_group_name_H-M   'P 21 21 21'
#
loop_
_entity.id
_entity.type
_entity.pdbx_description
1 polymer ELASTASE
2 non-polymer 6-ammonio-N-(trifluoroacetyl)-L-norleucyl-N-[4-(1-methylethyl)phenyl]-L-leucinamide
3 non-polymer 'CALCIUM ION'
4 non-polymer 'SULFATE ION'
5 water water
#
_entity_poly.entity_id   1
_entity_poly.type   'polypeptide(L)'
_entity_poly.pdbx_seq_one_letter_code
;VVGGTEAQRNSWPSQISLQYRSGSSWAHTCGGTLIRQNWVMTAAHCVDRELTFRVVVGEHNLNQNNGTEQYVGVQKIVVH
PYWNTDDVAAGYDIALLRLAQSVTLNSYVQLGVLPRAGTILANNSPCYITGWGLTRTNGQLAQTLQQAYLPTVDYAICSS
SSYWGSTVKNSMVCAGGDGVRSGCQGDSGGPLHCLVNGQYAVHGVTSFVSRLGCNVTRKPTVFTRVSAYISWINNVIASN
;
_entity_poly.pdbx_strand_id   A
#
# COMPACT_ATOMS: atom_id res chain seq x y z
N VAL A 1 -2.76 -3.79 10.05
CA VAL A 1 -4.17 -3.81 9.76
C VAL A 1 -4.89 -4.04 11.09
N VAL A 2 -5.76 -3.13 11.50
CA VAL A 2 -6.56 -3.33 12.68
C VAL A 2 -7.81 -4.04 12.21
N GLY A 3 -8.31 -4.96 13.02
CA GLY A 3 -9.53 -5.73 12.76
C GLY A 3 -9.38 -6.58 11.52
N GLY A 4 -8.21 -7.10 11.19
CA GLY A 4 -8.02 -7.86 9.99
C GLY A 4 -8.34 -9.29 10.26
N THR A 5 -8.05 -10.12 9.27
CA THR A 5 -8.10 -11.58 9.42
C THR A 5 -6.86 -12.05 8.68
N GLU A 6 -6.37 -13.24 9.00
CA GLU A 6 -5.25 -13.79 8.30
C GLU A 6 -5.66 -14.11 6.85
N ALA A 7 -4.91 -13.52 5.91
CA ALA A 7 -5.04 -13.83 4.50
C ALA A 7 -4.58 -15.26 4.22
N GLN A 8 -5.17 -15.90 3.22
CA GLN A 8 -4.64 -17.16 2.75
C GLN A 8 -3.29 -16.89 2.05
N ARG A 9 -2.43 -17.87 1.79
CA ARG A 9 -1.07 -17.71 1.28
C ARG A 9 -0.96 -17.28 -0.16
N ASN A 10 -2.02 -17.54 -0.91
CA ASN A 10 -2.04 -17.23 -2.32
C ASN A 10 -3.09 -16.23 -2.71
N SER A 11 -3.75 -15.63 -1.73
CA SER A 11 -4.78 -14.67 -2.00
C SER A 11 -4.34 -13.37 -2.67
N TRP A 12 -3.22 -12.79 -2.22
CA TRP A 12 -2.82 -11.50 -2.75
C TRP A 12 -1.37 -11.52 -3.20
N PRO A 13 -1.02 -12.18 -4.31
CA PRO A 13 0.37 -12.45 -4.70
C PRO A 13 1.23 -11.30 -5.24
N SER A 14 0.61 -10.09 -5.32
CA SER A 14 1.26 -8.84 -5.72
C SER A 14 1.75 -8.06 -4.50
N GLN A 15 1.36 -8.45 -3.27
CA GLN A 15 1.80 -7.81 -2.07
C GLN A 15 3.27 -8.11 -1.79
N ILE A 16 3.99 -7.04 -1.45
CA ILE A 16 5.38 -7.19 -1.09
C ILE A 16 5.60 -6.57 0.30
N SER A 17 6.69 -6.99 0.92
CA SER A 17 7.19 -6.34 2.12
C SER A 17 8.45 -5.54 1.74
N LEU A 18 8.39 -4.24 2.04
CA LEU A 18 9.56 -3.37 1.91
C LEU A 18 10.24 -3.32 3.29
N GLN A 19 11.48 -3.75 3.28
CA GLN A 19 12.35 -3.88 4.45
C GLN A 19 13.62 -3.02 4.39
N TYR A 20 14.09 -2.52 5.55
CA TYR A 20 15.36 -1.81 5.60
C TYR A 20 16.32 -2.50 6.55
N ARG A 21 17.63 -2.39 6.32
CA ARG A 21 18.67 -2.91 7.22
C ARG A 21 18.63 -2.26 8.58
N SER A 22 18.68 -3.14 9.56
CA SER A 22 18.54 -2.79 10.96
C SER A 22 19.66 -3.57 11.65
N GLY A 23 20.81 -2.89 11.76
CA GLY A 23 21.98 -3.43 12.43
C GLY A 23 22.57 -4.59 11.65
N SER A 24 22.22 -5.81 12.06
CA SER A 24 22.66 -6.95 11.28
C SER A 24 21.49 -7.75 10.72
N SER A 25 20.26 -7.31 10.99
CA SER A 25 19.05 -7.97 10.50
C SER A 25 18.27 -7.02 9.60
N TRP A 26 17.14 -7.49 9.04
CA TRP A 26 16.30 -6.67 8.20
C TRP A 26 14.96 -6.52 8.89
N ALA A 27 14.28 -5.39 8.80
CA ALA A 27 13.01 -5.19 9.44
C ALA A 27 12.04 -4.60 8.43
N HIS A 28 10.80 -5.06 8.52
CA HIS A 28 9.73 -4.59 7.67
C HIS A 28 9.41 -3.14 7.98
N THR A 29 9.30 -2.26 6.97
CA THR A 29 8.79 -0.93 7.28
C THR A 29 7.49 -0.58 6.55
N CYS A 30 7.26 -1.20 5.39
CA CYS A 30 6.15 -0.83 4.53
C CYS A 30 5.74 -1.97 3.61
N GLY A 31 4.53 -1.82 3.10
CA GLY A 31 4.09 -2.69 2.02
C GLY A 31 4.38 -2.06 0.64
N GLY A 32 3.94 -2.77 -0.40
CA GLY A 32 4.00 -2.29 -1.75
C GLY A 32 3.30 -3.30 -2.66
N THR A 33 3.20 -2.98 -3.94
CA THR A 33 2.59 -3.84 -4.94
C THR A 33 3.65 -4.07 -6.03
N LEU A 34 3.94 -5.34 -6.35
CA LEU A 34 4.73 -5.72 -7.48
C LEU A 34 3.91 -5.34 -8.73
N ILE A 35 4.40 -4.51 -9.65
CA ILE A 35 3.67 -4.06 -10.85
C ILE A 35 4.35 -4.47 -12.14
N ARG A 36 5.66 -4.72 -12.14
CA ARG A 36 6.38 -5.37 -13.23
C ARG A 36 7.30 -6.35 -12.52
N GLN A 37 7.89 -7.34 -13.19
CA GLN A 37 8.82 -8.27 -12.55
C GLN A 37 10.03 -7.64 -11.90
N ASN A 38 10.29 -6.35 -12.21
CA ASN A 38 11.39 -5.64 -11.60
C ASN A 38 11.00 -4.23 -11.15
N TRP A 39 9.70 -4.02 -10.83
CA TRP A 39 9.23 -2.74 -10.34
C TRP A 39 8.19 -2.88 -9.24
N VAL A 40 8.34 -2.05 -8.21
CA VAL A 40 7.44 -2.04 -7.09
C VAL A 40 6.90 -0.64 -6.94
N MET A 41 5.62 -0.56 -6.61
CA MET A 41 4.95 0.67 -6.36
C MET A 41 4.69 0.66 -4.87
N THR A 42 5.04 1.77 -4.21
CA THR A 42 4.92 1.89 -2.78
C THR A 42 4.68 3.35 -2.52
N ALA A 43 4.62 3.75 -1.24
CA ALA A 43 4.40 5.12 -0.87
C ALA A 43 5.73 5.86 -0.80
N ALA A 44 5.70 7.10 -1.29
CA ALA A 44 6.89 7.94 -1.32
C ALA A 44 7.49 8.12 0.06
N HIS A 45 6.71 8.30 1.11
CA HIS A 45 7.18 8.50 2.47
C HIS A 45 7.87 7.30 3.08
N CYS A 46 7.66 6.10 2.51
CA CYS A 46 8.36 4.91 2.99
C CYS A 46 9.82 4.99 2.59
N VAL A 47 10.19 5.70 1.53
CA VAL A 47 11.57 5.73 1.12
C VAL A 47 12.19 7.10 1.34
N ASP A 48 11.71 7.84 2.33
CA ASP A 48 12.33 9.12 2.67
C ASP A 48 13.62 9.06 3.47
N ARG A 49 13.68 8.11 4.43
CA ARG A 49 14.91 7.86 5.18
C ARG A 49 15.89 7.24 4.20
N GLU A 50 17.18 7.59 4.29
CA GLU A 50 18.13 7.05 3.34
C GLU A 50 18.77 5.76 3.78
N LEU A 51 17.88 4.77 3.75
CA LEU A 51 18.15 3.44 4.25
C LEU A 51 18.56 2.53 3.12
N THR A 52 19.13 1.36 3.46
CA THR A 52 19.25 0.39 2.41
C THR A 52 17.92 -0.40 2.45
N PHE A 53 17.31 -0.66 1.30
CA PHE A 53 16.04 -1.36 1.26
C PHE A 53 16.07 -2.72 0.56
N ARG A 54 15.20 -3.60 1.04
CA ARG A 54 15.00 -4.98 0.58
C ARG A 54 13.55 -5.08 0.16
N VAL A 55 13.26 -5.88 -0.85
CA VAL A 55 11.90 -6.22 -1.16
C VAL A 55 11.85 -7.74 -1.04
N VAL A 56 10.80 -8.19 -0.39
CA VAL A 56 10.49 -9.61 -0.31
C VAL A 56 9.15 -9.91 -0.96
N VAL A 57 9.20 -10.75 -2.00
CA VAL A 57 7.98 -11.20 -2.63
C VAL A 57 7.73 -12.65 -2.20
N GLY A 58 6.48 -13.10 -2.24
CA GLY A 58 6.13 -14.46 -1.85
C GLY A 58 6.09 -14.59 -0.34
N GLU A 59 6.07 -13.43 0.31
CA GLU A 59 6.08 -13.36 1.76
C GLU A 59 4.71 -13.58 2.35
N HIS A 60 4.66 -14.43 3.38
CA HIS A 60 3.43 -14.58 4.17
C HIS A 60 3.62 -14.32 5.68
N ASN A 61 4.61 -14.96 6.33
CA ASN A 61 4.92 -14.75 7.76
C ASN A 61 6.28 -14.02 7.78
N LEU A 62 6.39 -12.81 8.35
CA LEU A 62 7.65 -12.10 8.39
C LEU A 62 8.73 -12.89 9.15
N ASN A 63 8.30 -13.54 10.23
CA ASN A 63 9.20 -14.19 11.16
C ASN A 63 9.52 -15.64 10.90
N GLN A 64 9.01 -16.34 9.88
CA GLN A 64 9.49 -17.71 9.67
C GLN A 64 9.50 -18.14 8.22
N ASN A 65 10.41 -19.04 7.80
CA ASN A 65 10.46 -19.48 6.43
C ASN A 65 9.16 -20.19 5.95
N ASN A 66 8.75 -19.68 4.79
CA ASN A 66 7.54 -20.14 4.12
C ASN A 66 7.95 -21.05 2.97
N GLY A 67 9.22 -21.05 2.58
CA GLY A 67 9.68 -21.78 1.43
C GLY A 67 9.21 -21.09 0.13
N THR A 68 8.65 -19.86 0.11
CA THR A 68 8.16 -19.22 -1.12
C THR A 68 8.78 -17.86 -1.44
N GLU A 69 9.57 -17.34 -0.49
CA GLU A 69 10.13 -15.99 -0.57
C GLU A 69 11.25 -15.82 -1.55
N GLN A 70 11.24 -14.66 -2.24
CA GLN A 70 12.38 -14.26 -3.05
C GLN A 70 12.78 -12.86 -2.56
N TYR A 71 14.07 -12.68 -2.30
CA TYR A 71 14.60 -11.47 -1.70
C TYR A 71 15.40 -10.71 -2.75
N VAL A 72 15.01 -9.47 -3.02
CA VAL A 72 15.74 -8.72 -4.03
C VAL A 72 15.98 -7.31 -3.56
N GLY A 73 17.19 -6.82 -3.81
CA GLY A 73 17.52 -5.46 -3.40
C GLY A 73 16.95 -4.38 -4.32
N VAL A 74 16.72 -3.19 -3.79
CA VAL A 74 16.25 -2.05 -4.58
C VAL A 74 17.47 -1.43 -5.24
N GLN A 75 17.42 -1.23 -6.55
CA GLN A 75 18.51 -0.65 -7.27
C GLN A 75 18.34 0.85 -7.57
N LYS A 76 17.12 1.38 -7.65
CA LYS A 76 16.91 2.78 -7.94
C LYS A 76 15.55 3.17 -7.39
N ILE A 77 15.42 4.29 -6.69
CA ILE A 77 14.14 4.79 -6.19
C ILE A 77 13.65 6.03 -6.98
N VAL A 78 12.44 6.08 -7.53
CA VAL A 78 11.91 7.22 -8.25
C VAL A 78 10.68 7.71 -7.48
N VAL A 79 10.87 8.73 -6.65
CA VAL A 79 9.75 9.36 -5.96
C VAL A 79 9.07 10.35 -6.90
N HIS A 80 7.77 10.59 -6.71
CA HIS A 80 7.04 11.55 -7.51
C HIS A 80 7.70 12.93 -7.31
N PRO A 81 8.14 13.71 -8.33
CA PRO A 81 8.76 15.04 -8.20
C PRO A 81 8.03 16.07 -7.35
N TYR A 82 6.73 15.95 -7.26
CA TYR A 82 5.95 16.86 -6.44
C TYR A 82 5.81 16.46 -4.99
N TRP A 83 6.28 15.26 -4.61
CA TRP A 83 6.17 14.81 -3.22
C TRP A 83 6.99 15.65 -2.29
N ASN A 84 6.31 16.10 -1.27
CA ASN A 84 7.01 16.83 -0.24
C ASN A 84 6.83 16.12 1.11
N THR A 85 7.98 15.75 1.71
CA THR A 85 8.07 15.09 3.02
C THR A 85 7.25 15.73 4.16
N ASP A 86 7.20 17.07 4.15
CA ASP A 86 6.48 17.89 5.13
C ASP A 86 4.99 18.01 4.88
N ASP A 87 4.50 17.49 3.75
CA ASP A 87 3.10 17.65 3.46
C ASP A 87 2.50 16.35 2.93
N VAL A 88 2.08 15.39 3.77
CA VAL A 88 1.40 14.17 3.31
C VAL A 88 0.07 14.58 2.70
N ALA A 89 -0.62 15.55 3.33
CA ALA A 89 -1.91 16.03 2.90
C ALA A 89 -1.95 16.68 1.51
N ALA A 90 -0.83 17.12 0.94
CA ALA A 90 -0.80 17.58 -0.44
C ALA A 90 -0.92 16.43 -1.44
N GLY A 91 -0.54 15.20 -1.08
CA GLY A 91 -0.68 14.05 -1.94
C GLY A 91 0.66 13.71 -2.52
N TYR A 92 0.63 13.12 -3.71
CA TYR A 92 1.77 12.61 -4.45
C TYR A 92 2.61 11.62 -3.71
N ASP A 93 1.96 10.90 -2.77
CA ASP A 93 2.63 9.89 -1.97
C ASP A 93 2.77 8.59 -2.72
N ILE A 94 3.73 8.55 -3.66
CA ILE A 94 3.95 7.38 -4.49
C ILE A 94 5.38 7.38 -4.97
N ALA A 95 5.93 6.17 -5.04
CA ALA A 95 7.26 5.97 -5.51
C ALA A 95 7.31 4.64 -6.23
N LEU A 96 8.31 4.54 -7.09
CA LEU A 96 8.56 3.38 -7.90
C LEU A 96 9.98 2.94 -7.65
N LEU A 97 10.09 1.66 -7.32
CA LEU A 97 11.38 1.12 -7.00
C LEU A 97 11.78 0.19 -8.13
N ARG A 98 12.95 0.36 -8.74
CA ARG A 98 13.47 -0.58 -9.72
C ARG A 98 14.26 -1.67 -8.96
N LEU A 99 14.00 -2.96 -9.08
CA LEU A 99 14.71 -3.99 -8.31
C LEU A 99 16.00 -4.38 -9.01
N ALA A 100 16.99 -4.89 -8.26
CA ALA A 100 18.26 -5.34 -8.83
C ALA A 100 18.10 -6.49 -9.84
N GLN A 101 17.04 -7.29 -9.69
CA GLN A 101 16.75 -8.34 -10.65
C GLN A 101 15.27 -8.66 -10.68
N SER A 102 14.86 -9.17 -11.87
CA SER A 102 13.50 -9.62 -12.11
C SER A 102 13.07 -10.75 -11.18
N VAL A 103 11.84 -10.76 -10.69
CA VAL A 103 11.38 -11.82 -9.82
C VAL A 103 10.75 -12.92 -10.69
N THR A 104 10.67 -14.12 -10.11
CA THR A 104 10.04 -15.26 -10.77
C THR A 104 8.57 -15.24 -10.42
N LEU A 105 7.72 -15.20 -11.45
CA LEU A 105 6.31 -15.28 -11.17
C LEU A 105 5.86 -16.73 -10.97
N ASN A 106 4.99 -16.96 -9.98
CA ASN A 106 4.37 -18.27 -9.69
C ASN A 106 3.04 -18.03 -8.94
N SER A 107 2.32 -18.94 -8.25
CA SER A 107 1.05 -18.56 -7.58
C SER A 107 1.11 -17.66 -6.35
N TYR A 108 2.34 -17.42 -5.90
CA TYR A 108 2.66 -16.62 -4.73
C TYR A 108 3.23 -15.26 -5.12
N VAL A 109 3.66 -15.09 -6.38
CA VAL A 109 4.30 -13.87 -6.85
C VAL A 109 3.67 -13.56 -8.20
N GLN A 110 2.80 -12.56 -8.18
CA GLN A 110 2.11 -12.13 -9.38
C GLN A 110 2.13 -10.63 -9.49
N LEU A 111 1.87 -10.09 -10.67
CA LEU A 111 1.80 -8.64 -10.80
C LEU A 111 0.40 -8.15 -10.42
N GLY A 112 0.33 -6.96 -9.81
CA GLY A 112 -0.93 -6.33 -9.44
C GLY A 112 -1.54 -5.67 -10.68
N VAL A 113 -2.86 -5.68 -10.78
CA VAL A 113 -3.56 -5.14 -11.93
C VAL A 113 -3.88 -3.70 -11.57
N LEU A 114 -3.48 -2.73 -12.40
CA LEU A 114 -3.76 -1.30 -12.17
C LEU A 114 -5.01 -0.88 -12.88
N PRO A 115 -5.80 0.05 -12.33
CA PRO A 115 -6.91 0.69 -13.04
C PRO A 115 -6.56 1.54 -14.25
N ARG A 116 -7.59 1.70 -15.07
CA ARG A 116 -7.53 2.66 -16.18
C ARG A 116 -7.52 4.05 -15.58
N ALA A 117 -6.73 4.89 -16.28
CA ALA A 117 -6.50 6.27 -15.90
C ALA A 117 -7.82 6.99 -15.61
N GLY A 118 -8.03 7.71 -14.50
CA GLY A 118 -9.28 8.43 -14.36
C GLY A 118 -10.39 7.75 -13.63
N THR A 119 -10.24 6.43 -13.42
CA THR A 119 -11.24 5.61 -12.73
C THR A 119 -11.49 5.96 -11.27
N ILE A 120 -12.71 6.38 -10.97
CA ILE A 120 -13.15 6.71 -9.64
C ILE A 120 -14.14 5.61 -9.27
N LEU A 121 -14.05 5.04 -8.08
CA LEU A 121 -15.02 4.06 -7.62
C LEU A 121 -16.26 4.71 -7.01
N ALA A 122 -17.43 4.09 -7.12
CA ALA A 122 -18.60 4.72 -6.54
C ALA A 122 -18.59 4.50 -5.04
N ASN A 123 -19.42 5.23 -4.27
CA ASN A 123 -19.39 5.06 -2.84
C ASN A 123 -19.75 3.64 -2.41
N ASN A 124 -19.12 3.17 -1.31
CA ASN A 124 -19.28 1.81 -0.82
C ASN A 124 -18.81 0.65 -1.68
N SER A 125 -17.83 0.88 -2.58
CA SER A 125 -17.29 -0.22 -3.38
C SER A 125 -16.49 -1.22 -2.53
N PRO A 126 -16.60 -2.53 -2.81
CA PRO A 126 -15.90 -3.59 -2.10
C PRO A 126 -14.39 -3.58 -2.32
N CYS A 127 -13.66 -3.40 -1.22
CA CYS A 127 -12.21 -3.28 -1.29
C CYS A 127 -11.56 -3.93 -0.08
N TYR A 128 -10.30 -4.36 -0.22
CA TYR A 128 -9.58 -5.04 0.84
C TYR A 128 -8.21 -4.43 1.01
N ILE A 129 -7.84 -4.16 2.26
CA ILE A 129 -6.50 -3.69 2.62
C ILE A 129 -5.71 -4.87 3.12
N THR A 130 -4.49 -4.95 2.63
CA THR A 130 -3.60 -5.99 3.11
C THR A 130 -2.30 -5.41 3.66
N GLY A 131 -1.71 -6.13 4.64
CA GLY A 131 -0.45 -5.68 5.17
C GLY A 131 -0.06 -6.43 6.42
N TRP A 132 1.19 -6.18 6.87
CA TRP A 132 1.74 -6.72 8.11
C TRP A 132 1.85 -5.64 9.17
N GLY A 133 1.28 -4.46 8.95
CA GLY A 133 1.31 -3.35 9.90
C GLY A 133 0.68 -3.66 11.23
N LEU A 134 0.79 -2.74 12.21
CA LEU A 134 0.25 -2.89 13.56
C LEU A 134 -1.21 -3.33 13.60
N THR A 135 -1.47 -4.29 14.48
CA THR A 135 -2.81 -4.84 14.59
C THR A 135 -3.68 -4.11 15.61
N ARG A 136 -3.05 -3.15 16.30
CA ARG A 136 -3.72 -2.26 17.21
C ARG A 136 -3.02 -0.92 17.10
N THR A 137 -3.69 0.18 17.48
CA THR A 137 -3.06 1.49 17.59
C THR A 137 -2.04 1.40 18.73
N ASN A 138 -0.83 1.77 18.33
CA ASN A 138 0.36 1.78 19.17
C ASN A 138 0.72 0.38 19.67
N GLY A 139 0.31 -0.63 18.85
CA GLY A 139 0.51 -2.04 19.13
C GLY A 139 1.76 -2.53 18.41
N GLN A 140 1.65 -3.71 17.81
CA GLN A 140 2.77 -4.29 17.11
C GLN A 140 2.37 -4.91 15.78
N LEU A 141 3.37 -5.02 14.92
CA LEU A 141 3.25 -5.58 13.56
C LEU A 141 2.61 -6.95 13.58
N ALA A 142 1.91 -7.34 12.52
CA ALA A 142 1.42 -8.70 12.46
C ALA A 142 2.52 -9.59 11.97
N GLN A 143 2.42 -10.89 12.24
CA GLN A 143 3.43 -11.81 11.76
C GLN A 143 3.09 -12.33 10.39
N THR A 144 1.80 -12.59 10.25
CA THR A 144 1.24 -13.10 9.01
C THR A 144 0.42 -11.96 8.35
N LEU A 145 0.35 -12.03 7.01
CA LEU A 145 -0.35 -11.03 6.22
C LEU A 145 -1.83 -10.98 6.58
N GLN A 146 -2.30 -9.79 6.96
CA GLN A 146 -3.66 -9.58 7.38
C GLN A 146 -4.40 -8.91 6.26
N GLN A 147 -5.72 -9.04 6.29
CA GLN A 147 -6.57 -8.38 5.30
C GLN A 147 -7.83 -7.91 5.96
N ALA A 148 -8.38 -6.75 5.58
CA ALA A 148 -9.61 -6.27 6.16
C ALA A 148 -10.45 -5.66 5.07
N TYR A 149 -11.74 -5.95 5.15
CA TYR A 149 -12.70 -5.45 4.18
C TYR A 149 -12.91 -3.98 4.54
N LEU A 150 -12.47 -3.12 3.62
CA LEU A 150 -12.52 -1.67 3.77
C LEU A 150 -13.23 -0.99 2.58
N PRO A 151 -14.57 -0.81 2.60
CA PRO A 151 -15.31 -0.22 1.51
C PRO A 151 -15.00 1.24 1.37
N THR A 152 -14.98 1.70 0.12
CA THR A 152 -14.64 3.08 -0.11
C THR A 152 -15.70 4.06 0.38
N VAL A 153 -15.14 5.23 0.64
CA VAL A 153 -15.89 6.41 1.01
C VAL A 153 -15.51 7.38 -0.08
N ASP A 154 -16.50 7.85 -0.86
CA ASP A 154 -16.14 8.70 -1.98
C ASP A 154 -15.76 10.10 -1.53
N TYR A 155 -15.06 10.81 -2.42
CA TYR A 155 -14.54 12.14 -2.18
C TYR A 155 -15.47 13.12 -1.49
N ALA A 156 -16.73 13.22 -1.91
CA ALA A 156 -17.63 14.17 -1.31
C ALA A 156 -17.88 13.88 0.16
N ILE A 157 -18.08 12.60 0.53
CA ILE A 157 -18.32 12.26 1.92
C ILE A 157 -16.99 12.39 2.67
N CYS A 158 -15.86 11.99 2.07
CA CYS A 158 -14.60 11.99 2.81
C CYS A 158 -14.09 13.42 3.06
N SER A 159 -14.15 14.33 2.10
CA SER A 159 -13.74 15.70 2.32
C SER A 159 -14.72 16.58 3.10
N SER A 160 -15.75 15.97 3.68
CA SER A 160 -16.73 16.72 4.43
C SER A 160 -16.26 16.87 5.86
N SER A 161 -16.94 17.79 6.57
CA SER A 161 -16.67 18.18 7.95
C SER A 161 -16.32 17.09 8.94
N SER A 162 -17.34 16.28 9.23
CA SER A 162 -17.27 15.14 10.11
C SER A 162 -16.15 14.16 9.73
N TYR A 163 -15.71 14.15 8.45
CA TYR A 163 -14.71 13.19 8.01
C TYR A 163 -13.31 13.74 7.91
N TRP A 164 -12.65 13.84 6.74
CA TRP A 164 -11.31 14.31 6.71
C TRP A 164 -11.16 15.78 6.37
N GLY A 165 -12.30 16.38 6.01
CA GLY A 165 -12.34 17.77 5.61
C GLY A 165 -11.42 18.02 4.42
N SER A 166 -10.67 19.12 4.57
CA SER A 166 -9.72 19.53 3.54
C SER A 166 -8.44 18.73 3.42
N THR A 167 -8.14 17.89 4.40
CA THR A 167 -6.93 17.11 4.41
C THR A 167 -6.91 16.13 3.25
N VAL A 168 -8.07 15.62 2.78
CA VAL A 168 -8.12 14.82 1.55
C VAL A 168 -8.38 15.62 0.27
N LYS A 169 -7.69 15.14 -0.75
CA LYS A 169 -7.81 15.66 -2.09
C LYS A 169 -8.41 14.58 -3.00
N ASN A 170 -8.71 14.99 -4.22
CA ASN A 170 -9.31 14.15 -5.22
C ASN A 170 -8.30 13.15 -5.77
N SER A 171 -7.00 13.33 -5.52
CA SER A 171 -5.96 12.39 -5.93
C SER A 171 -5.81 11.25 -4.91
N MET A 172 -6.74 11.14 -3.96
CA MET A 172 -6.70 10.17 -2.89
C MET A 172 -7.99 9.38 -2.87
N VAL A 173 -7.95 8.10 -2.41
CA VAL A 173 -9.12 7.26 -2.15
C VAL A 173 -9.27 7.17 -0.63
N CYS A 174 -10.47 7.29 -0.07
CA CYS A 174 -10.67 6.99 1.32
C CYS A 174 -11.40 5.65 1.38
N ALA A 175 -11.13 4.84 2.40
CA ALA A 175 -11.84 3.57 2.55
C ALA A 175 -11.92 3.23 4.02
N GLY A 176 -13.07 2.69 4.43
CA GLY A 176 -13.30 2.23 5.78
C GLY A 176 -13.95 3.28 6.66
N GLY A 177 -13.31 3.53 7.83
CA GLY A 177 -13.73 4.55 8.79
C GLY A 177 -14.80 4.10 9.77
N ASP A 178 -15.02 2.79 9.94
CA ASP A 178 -16.03 2.33 10.88
C ASP A 178 -15.59 2.33 12.34
N GLY A 179 -14.28 2.57 12.62
CA GLY A 179 -13.76 2.53 13.97
C GLY A 179 -13.34 1.14 14.43
N VAL A 180 -13.37 0.09 13.58
CA VAL A 180 -13.01 -1.28 13.94
C VAL A 180 -11.87 -1.77 13.08
N ARG A 181 -11.95 -1.48 11.78
CA ARG A 181 -11.01 -1.96 10.77
C ARG A 181 -10.28 -0.79 10.17
N SER A 182 -8.99 -0.98 9.87
CA SER A 182 -8.20 0.06 9.23
C SER A 182 -6.80 -0.40 8.87
N GLY A 183 -6.17 0.49 8.10
CA GLY A 183 -4.71 0.43 7.96
C GLY A 183 -4.12 0.91 9.27
N CYS A 184 -2.85 0.66 9.51
CA CYS A 184 -2.15 1.18 10.68
C CYS A 184 -0.67 1.21 10.32
N GLN A 185 0.26 1.71 11.15
CA GLN A 185 1.64 1.86 10.76
C GLN A 185 2.31 0.61 10.25
N GLY A 186 3.11 0.68 9.17
CA GLY A 186 3.70 -0.52 8.62
C GLY A 186 2.94 -1.06 7.41
N ASP A 187 1.67 -0.68 7.28
CA ASP A 187 0.85 -1.01 6.14
C ASP A 187 1.00 -0.01 5.02
N SER A 188 1.64 1.16 5.29
CA SER A 188 1.85 2.18 4.26
C SER A 188 2.54 1.68 3.02
N GLY A 189 2.14 2.15 1.84
CA GLY A 189 2.80 1.72 0.64
C GLY A 189 2.07 0.54 0.05
N GLY A 190 1.34 -0.22 0.88
CA GLY A 190 0.64 -1.41 0.45
C GLY A 190 -0.58 -1.12 -0.45
N PRO A 191 -1.17 -2.19 -1.00
CA PRO A 191 -2.37 -2.14 -1.83
C PRO A 191 -3.75 -2.05 -1.19
N LEU A 192 -4.63 -1.32 -1.88
CA LEU A 192 -6.04 -1.40 -1.60
C LEU A 192 -6.54 -2.06 -2.90
N HIS A 193 -7.01 -3.28 -2.69
CA HIS A 193 -7.52 -4.16 -3.74
C HIS A 193 -9.03 -4.02 -3.79
N CYS A 194 -9.57 -3.54 -4.91
CA CYS A 194 -11.00 -3.34 -5.07
C CYS A 194 -11.51 -4.16 -6.24
N LEU A 195 -12.67 -4.78 -5.98
CA LEU A 195 -13.33 -5.68 -6.95
C LEU A 195 -13.97 -4.88 -8.07
N VAL A 196 -13.49 -5.03 -9.30
CA VAL A 196 -13.97 -4.24 -10.45
C VAL A 196 -14.16 -5.12 -11.69
N ASN A 197 -15.43 -5.26 -12.15
CA ASN A 197 -15.81 -6.17 -13.23
C ASN A 197 -15.26 -7.56 -13.01
N GLY A 198 -15.57 -8.08 -11.80
CA GLY A 198 -15.12 -9.40 -11.39
C GLY A 198 -13.62 -9.55 -11.16
N GLN A 199 -12.79 -8.51 -11.17
CA GLN A 199 -11.32 -8.61 -11.07
C GLN A 199 -10.79 -7.70 -9.95
N TYR A 200 -9.92 -8.15 -9.03
CA TYR A 200 -9.36 -7.27 -8.02
C TYR A 200 -8.25 -6.44 -8.67
N ALA A 201 -8.44 -5.10 -8.65
CA ALA A 201 -7.40 -4.20 -9.07
C ALA A 201 -6.92 -3.34 -7.89
N VAL A 202 -5.65 -2.97 -7.96
CA VAL A 202 -5.05 -2.10 -6.96
C VAL A 202 -5.31 -0.60 -7.27
N HIS A 203 -6.26 -0.04 -6.53
CA HIS A 203 -6.74 1.32 -6.65
C HIS A 203 -6.15 2.28 -5.61
N GLY A 204 -5.54 1.75 -4.54
CA GLY A 204 -4.94 2.63 -3.52
C GLY A 204 -3.53 2.20 -3.17
N VAL A 205 -2.71 3.18 -2.79
CA VAL A 205 -1.41 2.92 -2.18
C VAL A 205 -1.58 3.51 -0.79
N THR A 206 -1.48 2.72 0.29
CA THR A 206 -1.76 3.20 1.65
C THR A 206 -0.80 4.35 2.02
N SER A 207 -1.40 5.42 2.53
CA SER A 207 -0.65 6.64 2.78
C SER A 207 -0.83 7.12 4.20
N PHE A 208 -2.07 7.31 4.70
CA PHE A 208 -2.23 7.76 6.06
C PHE A 208 -3.51 7.43 6.80
N VAL A 209 -3.43 7.51 8.13
CA VAL A 209 -4.59 7.42 9.01
C VAL A 209 -4.48 8.67 9.91
N SER A 210 -5.42 8.75 10.82
CA SER A 210 -5.49 9.78 11.83
C SER A 210 -4.36 9.71 12.85
N ARG A 211 -3.99 10.90 13.34
CA ARG A 211 -2.97 11.02 14.37
C ARG A 211 -3.53 10.53 15.69
N LEU A 212 -4.86 10.47 15.76
CA LEU A 212 -5.54 10.05 16.96
C LEU A 212 -5.46 8.55 17.13
N GLY A 213 -5.22 7.83 16.04
CA GLY A 213 -5.15 6.39 16.09
C GLY A 213 -5.58 5.82 14.76
N CYS A 214 -5.22 4.55 14.56
CA CYS A 214 -5.53 3.86 13.31
C CYS A 214 -7.02 3.69 13.00
N ASN A 215 -7.80 3.02 13.86
CA ASN A 215 -9.23 2.79 13.69
C ASN A 215 -10.08 3.78 14.45
N VAL A 216 -10.37 4.87 13.76
CA VAL A 216 -11.13 5.98 14.32
C VAL A 216 -12.37 6.17 13.46
N THR A 217 -13.53 6.26 14.11
CA THR A 217 -14.76 6.43 13.37
C THR A 217 -14.77 7.79 12.64
N ARG A 218 -15.20 7.68 11.37
CA ARG A 218 -15.27 8.73 10.36
C ARG A 218 -13.90 9.31 9.95
N LYS A 219 -12.84 8.54 10.22
CA LYS A 219 -11.49 8.88 9.75
C LYS A 219 -10.95 7.67 9.00
N PRO A 220 -11.41 7.41 7.78
CA PRO A 220 -10.97 6.28 7.00
C PRO A 220 -9.50 6.34 6.71
N THR A 221 -8.96 5.19 6.38
CA THR A 221 -7.57 5.10 5.94
C THR A 221 -7.56 5.86 4.59
N VAL A 222 -6.48 6.62 4.32
CA VAL A 222 -6.41 7.37 3.10
C VAL A 222 -5.30 6.78 2.28
N PHE A 223 -5.64 6.64 1.01
CA PHE A 223 -4.77 5.99 0.04
C PHE A 223 -4.52 6.95 -1.11
N THR A 224 -3.36 6.89 -1.75
CA THR A 224 -3.10 7.61 -2.98
C THR A 224 -3.92 6.90 -4.07
N ARG A 225 -4.70 7.66 -4.83
CA ARG A 225 -5.41 7.12 -5.99
C ARG A 225 -4.51 6.78 -7.17
N VAL A 226 -4.25 5.49 -7.32
CA VAL A 226 -3.42 4.93 -8.37
C VAL A 226 -3.89 5.43 -9.74
N SER A 227 -5.18 5.53 -10.02
CA SER A 227 -5.61 5.88 -11.38
C SER A 227 -5.33 7.32 -11.78
N ALA A 228 -4.96 8.15 -10.77
CA ALA A 228 -4.54 9.51 -11.01
C ALA A 228 -3.08 9.46 -11.43
N TYR A 229 -2.34 8.34 -11.47
CA TYR A 229 -0.92 8.40 -11.76
C TYR A 229 -0.47 7.45 -12.82
N ILE A 230 -1.40 6.92 -13.63
CA ILE A 230 -1.06 5.90 -14.61
C ILE A 230 -0.09 6.42 -15.69
N SER A 231 -0.27 7.64 -16.19
CA SER A 231 0.70 8.24 -17.10
C SER A 231 2.09 8.40 -16.45
N TRP A 232 2.20 8.95 -15.23
CA TRP A 232 3.45 9.03 -14.49
C TRP A 232 4.09 7.66 -14.33
N ILE A 233 3.33 6.61 -13.94
CA ILE A 233 3.92 5.28 -13.77
C ILE A 233 4.46 4.73 -15.08
N ASN A 234 3.69 4.86 -16.16
CA ASN A 234 4.12 4.32 -17.44
C ASN A 234 5.36 5.01 -17.99
N ASN A 235 5.37 6.35 -17.82
CA ASN A 235 6.51 7.20 -18.23
C ASN A 235 7.79 6.88 -17.47
N VAL A 236 7.72 6.53 -16.17
CA VAL A 236 8.91 6.17 -15.42
C VAL A 236 9.41 4.83 -15.92
N ILE A 237 8.55 3.80 -16.04
CA ILE A 237 9.02 2.48 -16.49
C ILE A 237 9.55 2.53 -17.91
N ALA A 238 8.95 3.43 -18.70
CA ALA A 238 9.34 3.67 -20.08
C ALA A 238 10.76 4.20 -20.22
N SER A 239 11.15 5.15 -19.35
CA SER A 239 12.49 5.69 -19.45
C SER A 239 13.52 4.94 -18.61
N ASN A 240 13.08 4.31 -17.53
CA ASN A 240 13.98 3.72 -16.54
C ASN A 240 14.21 2.22 -16.66
#